data_3B8R
#
_entry.id   3B8R
#
_cell.length_a   55.436
_cell.length_b   67.972
_cell.length_c   87.687
_cell.angle_alpha   90.00
_cell.angle_beta   91.362
_cell.angle_gamma   90.00
#
_symmetry.space_group_name_H-M   'P 1 21 1'
#
loop_
_entity.id
_entity.type
_entity.pdbx_description
1 polymer 'Vascular endothelial growth factor receptor 2'
2 non-polymer 1,2-ETHANEDIOL
3 non-polymer N-cyclopropyl-6-[(6,7-dimethoxyquinolin-4-yl)oxy]naphthalene-1-carboxamide
4 water water
#
_entity_poly.entity_id   1
_entity_poly.type   'polypeptide(L)'
_entity_poly.pdbx_seq_one_letter_code
;EHAERLPYDASKWEFPRDRLKLGKPLGRGAFGQVIEADAFGIDKTATCRTVAVKMLKEGATHSEHRALMSELKILIHIGH
HLNVVNLLGACTKPGGPLMVITEFCKFGNLSTYLRSKRNEFVPYKVAPEDLYKDFLTLEHLICYSFQVAKGMEFLASRKC
IHRDLAARNILLSEKNVVKICDFGLARDI(PTR)KDPD(PTR)VRKGDARLPLKWMAPETIFDRVYTIQSDVWSFGVLLW
EIFSLGASPYPGVKIDEEFCRRLKEGTRMRAPDYTTPEMYQTMLDCWHGEPSQRPTFSELVEHLGNLLQANAQQDRHHHH
HH
;
_entity_poly.pdbx_strand_id   A,B
#
# COMPACT_ATOMS: atom_id res chain seq x y z
N GLU A 4 -8.97 -14.56 -3.08
CA GLU A 4 -9.03 -15.83 -3.87
C GLU A 4 -9.29 -17.00 -2.94
N ARG A 5 -8.65 -16.96 -1.76
CA ARG A 5 -8.80 -17.99 -0.75
C ARG A 5 -10.29 -18.25 -0.57
N LEU A 6 -11.06 -17.17 -0.70
CA LEU A 6 -12.51 -17.19 -0.56
C LEU A 6 -13.13 -18.14 -1.58
N PRO A 7 -14.22 -18.83 -1.20
CA PRO A 7 -14.91 -19.76 -2.09
C PRO A 7 -15.91 -19.08 -3.03
N TYR A 8 -16.48 -19.87 -3.93
CA TYR A 8 -17.47 -19.39 -4.88
C TYR A 8 -18.61 -20.40 -5.02
N ASP A 9 -19.79 -20.00 -4.59
CA ASP A 9 -20.97 -20.84 -4.66
C ASP A 9 -21.72 -20.56 -5.97
N ALA A 10 -21.48 -21.37 -7.01
CA ALA A 10 -22.14 -21.17 -8.29
C ALA A 10 -23.65 -21.29 -8.17
N SER A 11 -24.10 -22.20 -7.30
CA SER A 11 -25.53 -22.41 -7.11
C SER A 11 -26.24 -21.13 -6.73
N LYS A 12 -25.60 -20.32 -5.90
CA LYS A 12 -26.20 -19.07 -5.47
C LYS A 12 -25.98 -17.89 -6.39
N TRP A 13 -24.77 -17.76 -6.95
CA TRP A 13 -24.45 -16.60 -7.77
C TRP A 13 -24.42 -16.70 -9.31
N GLU A 14 -24.22 -17.90 -9.86
CA GLU A 14 -24.14 -18.07 -11.31
C GLU A 14 -25.44 -17.64 -11.99
N PHE A 15 -25.29 -16.94 -13.11
CA PHE A 15 -26.41 -16.44 -13.90
C PHE A 15 -26.11 -16.76 -15.36
N PRO A 16 -27.11 -17.21 -16.12
CA PRO A 16 -26.93 -17.58 -17.53
C PRO A 16 -26.65 -16.39 -18.44
N ARG A 17 -25.62 -16.49 -19.27
CA ARG A 17 -25.24 -15.41 -20.18
C ARG A 17 -26.34 -14.94 -21.14
N ASP A 18 -27.11 -15.87 -21.69
CA ASP A 18 -28.18 -15.51 -22.63
C ASP A 18 -29.39 -14.96 -21.92
N ARG A 19 -29.19 -14.51 -20.69
CA ARG A 19 -30.25 -13.92 -19.90
C ARG A 19 -29.89 -12.47 -19.70
N LEU A 20 -28.77 -12.08 -20.30
CA LEU A 20 -28.27 -10.72 -20.23
C LEU A 20 -28.30 -10.09 -21.61
N LYS A 21 -28.76 -8.84 -21.67
CA LYS A 21 -28.79 -8.12 -22.94
C LYS A 21 -27.86 -6.94 -22.74
N LEU A 22 -26.61 -7.09 -23.14
CA LEU A 22 -25.60 -6.06 -23.01
C LEU A 22 -25.93 -4.81 -23.81
N GLY A 23 -26.09 -3.69 -23.10
CA GLY A 23 -26.43 -2.43 -23.75
C GLY A 23 -25.24 -1.51 -23.94
N LYS A 24 -25.42 -0.23 -23.65
CA LYS A 24 -24.34 0.72 -23.84
C LYS A 24 -23.30 0.68 -22.73
N PRO A 25 -22.06 1.04 -23.06
CA PRO A 25 -20.93 1.08 -22.13
C PRO A 25 -21.15 2.25 -21.18
N LEU A 26 -20.53 2.21 -20.02
CA LEU A 26 -20.66 3.27 -19.05
C LEU A 26 -19.23 3.68 -18.69
N GLY A 27 -18.34 2.69 -18.68
CA GLY A 27 -16.95 2.96 -18.34
C GLY A 27 -16.06 1.74 -18.57
N GLN A 33 -14.27 -3.35 -18.25
CA GLN A 33 -15.07 -2.14 -18.39
C GLN A 33 -16.50 -2.40 -17.91
N VAL A 34 -17.22 -1.33 -17.57
CA VAL A 34 -18.58 -1.48 -17.10
C VAL A 34 -19.59 -1.20 -18.21
N ILE A 35 -20.59 -2.08 -18.31
CA ILE A 35 -21.61 -1.99 -19.34
C ILE A 35 -23.01 -2.05 -18.73
N GLU A 36 -23.94 -1.33 -19.34
CA GLU A 36 -25.34 -1.33 -18.88
C GLU A 36 -25.99 -2.51 -19.59
N ALA A 37 -26.90 -3.21 -18.91
CA ALA A 37 -27.56 -4.35 -19.52
C ALA A 37 -28.87 -4.67 -18.83
N ASP A 38 -29.65 -5.53 -19.46
CA ASP A 38 -30.92 -5.98 -18.89
C ASP A 38 -30.74 -7.46 -18.59
N ALA A 39 -31.14 -7.87 -17.41
CA ALA A 39 -31.02 -9.27 -17.01
C ALA A 39 -32.43 -9.77 -16.74
N PHE A 40 -32.74 -10.95 -17.25
CA PHE A 40 -34.06 -11.51 -17.04
C PHE A 40 -34.02 -12.59 -15.99
N GLY A 41 -34.73 -12.37 -14.90
CA GLY A 41 -34.76 -13.34 -13.83
C GLY A 41 -33.54 -13.32 -12.95
N ILE A 42 -32.82 -12.20 -12.93
CA ILE A 42 -31.62 -12.07 -12.10
C ILE A 42 -31.97 -12.21 -10.62
N ASP A 43 -33.18 -11.85 -10.25
CA ASP A 43 -33.60 -11.97 -8.86
C ASP A 43 -34.98 -12.61 -8.75
N LYS A 44 -35.38 -12.91 -7.51
CA LYS A 44 -36.66 -13.55 -7.20
C LYS A 44 -37.88 -12.98 -7.95
N THR A 45 -37.94 -11.66 -8.11
CA THR A 45 -39.08 -11.03 -8.78
C THR A 45 -39.33 -11.60 -10.20
N ALA A 46 -38.38 -12.37 -10.70
CA ALA A 46 -38.48 -13.00 -12.02
C ALA A 46 -38.90 -12.02 -13.13
N THR A 47 -38.66 -10.73 -12.88
CA THR A 47 -39.00 -9.67 -13.83
C THR A 47 -37.75 -9.29 -14.62
N CYS A 48 -37.81 -8.20 -15.37
CA CYS A 48 -36.63 -7.75 -16.10
C CYS A 48 -35.99 -6.61 -15.30
N ARG A 49 -34.67 -6.61 -15.22
CA ARG A 49 -33.99 -5.58 -14.45
C ARG A 49 -32.77 -4.99 -15.13
N THR A 50 -32.58 -3.69 -14.96
CA THR A 50 -31.42 -3.02 -15.54
C THR A 50 -30.29 -3.28 -14.57
N VAL A 51 -29.12 -3.61 -15.10
CA VAL A 51 -27.97 -3.92 -14.26
C VAL A 51 -26.68 -3.40 -14.88
N ALA A 52 -25.63 -3.35 -14.08
CA ALA A 52 -24.31 -2.90 -14.52
C ALA A 52 -23.41 -4.13 -14.56
N VAL A 53 -22.69 -4.29 -15.67
CA VAL A 53 -21.83 -5.46 -15.82
C VAL A 53 -20.37 -5.13 -16.07
N LYS A 54 -19.49 -5.72 -15.27
CA LYS A 54 -18.06 -5.51 -15.44
C LYS A 54 -17.52 -6.78 -16.08
N MET A 55 -16.92 -6.64 -17.26
CA MET A 55 -16.39 -7.81 -17.97
C MET A 55 -14.98 -7.67 -18.51
N LEU A 56 -14.35 -8.82 -18.72
CA LEU A 56 -13.00 -8.86 -19.24
C LEU A 56 -13.01 -8.62 -20.74
N LYS A 57 -11.98 -7.95 -21.25
CA LYS A 57 -11.88 -7.70 -22.68
C LYS A 57 -11.43 -8.97 -23.40
N GLU A 58 -11.57 -9.00 -24.72
CA GLU A 58 -11.17 -10.18 -25.48
C GLU A 58 -9.71 -10.54 -25.16
N GLY A 59 -9.46 -11.82 -24.92
CA GLY A 59 -8.11 -12.29 -24.61
C GLY A 59 -7.40 -11.46 -23.57
N ALA A 60 -7.96 -11.38 -22.37
CA ALA A 60 -7.36 -10.59 -21.31
C ALA A 60 -6.28 -11.35 -20.58
N THR A 61 -5.24 -10.67 -20.12
CA THR A 61 -4.19 -11.36 -19.39
C THR A 61 -4.80 -12.12 -18.22
N HIS A 62 -4.35 -13.35 -18.05
CA HIS A 62 -4.80 -14.24 -16.99
C HIS A 62 -4.61 -13.56 -15.60
N SER A 63 -4.01 -12.38 -15.63
CA SER A 63 -3.80 -11.66 -14.41
C SER A 63 -5.02 -10.80 -14.17
N GLU A 64 -5.56 -10.27 -15.26
CA GLU A 64 -6.74 -9.41 -15.24
C GLU A 64 -7.96 -10.27 -14.90
N HIS A 65 -7.84 -11.57 -15.20
CA HIS A 65 -8.91 -12.54 -14.94
C HIS A 65 -9.09 -12.78 -13.46
N ARG A 66 -8.01 -13.16 -12.78
CA ARG A 66 -8.08 -13.41 -11.34
C ARG A 66 -8.36 -12.10 -10.61
N ALA A 67 -7.96 -11.00 -11.24
CA ALA A 67 -8.21 -9.69 -10.67
C ALA A 67 -9.73 -9.54 -10.57
N LEU A 68 -10.40 -9.64 -11.71
CA LEU A 68 -11.85 -9.51 -11.75
C LEU A 68 -12.52 -10.64 -10.93
N MET A 69 -11.87 -11.79 -10.87
CA MET A 69 -12.41 -12.90 -10.11
C MET A 69 -12.37 -12.62 -8.61
N SER A 70 -11.33 -11.93 -8.16
CA SER A 70 -11.20 -11.62 -6.74
C SER A 70 -12.14 -10.47 -6.39
N GLU A 71 -12.46 -9.68 -7.40
CA GLU A 71 -13.36 -8.54 -7.24
C GLU A 71 -14.73 -9.16 -6.88
N LEU A 72 -15.07 -10.24 -7.58
CA LEU A 72 -16.33 -10.96 -7.36
C LEU A 72 -16.39 -11.62 -5.98
N LYS A 73 -15.28 -12.20 -5.55
CA LYS A 73 -15.21 -12.86 -4.26
C LYS A 73 -15.18 -11.84 -3.11
N ILE A 74 -14.62 -10.67 -3.36
CA ILE A 74 -14.59 -9.65 -2.32
C ILE A 74 -16.06 -9.34 -2.05
N LEU A 75 -16.79 -9.00 -3.11
CA LEU A 75 -18.21 -8.69 -3.00
C LEU A 75 -19.04 -9.80 -2.33
N ILE A 76 -18.74 -11.05 -2.66
CA ILE A 76 -19.45 -12.18 -2.07
C ILE A 76 -19.13 -12.29 -0.60
N HIS A 77 -17.87 -12.10 -0.25
CA HIS A 77 -17.41 -12.15 1.13
C HIS A 77 -17.92 -10.96 1.98
N ILE A 78 -17.76 -9.73 1.45
CA ILE A 78 -18.21 -8.54 2.16
C ILE A 78 -19.67 -8.68 2.60
N GLY A 79 -20.51 -9.19 1.72
CA GLY A 79 -21.88 -9.33 2.10
C GLY A 79 -22.71 -8.14 1.64
N HIS A 80 -23.97 -8.12 2.06
CA HIS A 80 -24.86 -7.06 1.67
C HIS A 80 -24.99 -5.89 2.64
N HIS A 81 -25.05 -4.68 2.08
CA HIS A 81 -25.24 -3.46 2.85
C HIS A 81 -25.82 -2.40 1.91
N LEU A 82 -26.88 -1.73 2.35
CA LEU A 82 -27.52 -0.73 1.52
C LEU A 82 -26.60 0.31 0.94
N ASN A 83 -25.52 0.64 1.62
CA ASN A 83 -24.64 1.68 1.10
C ASN A 83 -23.36 1.21 0.44
N VAL A 84 -23.41 -0.01 -0.09
CA VAL A 84 -22.29 -0.63 -0.78
C VAL A 84 -22.86 -1.29 -2.03
N VAL A 85 -22.34 -0.94 -3.21
CA VAL A 85 -22.85 -1.52 -4.44
C VAL A 85 -23.18 -3.01 -4.29
N ASN A 86 -24.41 -3.37 -4.62
CA ASN A 86 -24.90 -4.75 -4.50
C ASN A 86 -24.68 -5.70 -5.65
N LEU A 87 -24.08 -6.85 -5.33
CA LEU A 87 -23.78 -7.93 -6.26
C LEU A 87 -25.04 -8.73 -6.57
N LEU A 88 -25.39 -8.83 -7.85
CA LEU A 88 -26.59 -9.56 -8.22
C LEU A 88 -26.32 -10.97 -8.75
N GLY A 89 -25.17 -11.17 -9.40
CA GLY A 89 -24.81 -12.47 -9.93
C GLY A 89 -23.53 -12.43 -10.74
N ALA A 90 -23.18 -13.54 -11.37
CA ALA A 90 -21.97 -13.59 -12.17
C ALA A 90 -21.98 -14.71 -13.22
N CYS A 91 -21.14 -14.57 -14.23
CA CYS A 91 -21.01 -15.57 -15.28
C CYS A 91 -19.55 -15.97 -15.19
N THR A 92 -19.31 -17.14 -14.60
CA THR A 92 -17.96 -17.63 -14.40
C THR A 92 -17.66 -18.97 -15.07
N LYS A 93 -18.70 -19.72 -15.40
CA LYS A 93 -18.47 -21.00 -16.03
C LYS A 93 -18.03 -20.82 -17.48
N PRO A 94 -17.35 -21.84 -18.03
CA PRO A 94 -16.88 -21.76 -19.42
C PRO A 94 -18.02 -21.48 -20.40
N GLY A 95 -17.69 -20.99 -21.58
CA GLY A 95 -18.71 -20.72 -22.57
C GLY A 95 -18.79 -19.28 -23.02
N GLY A 96 -18.21 -18.38 -22.25
CA GLY A 96 -18.26 -16.98 -22.58
C GLY A 96 -17.30 -16.22 -21.69
N PRO A 97 -17.32 -14.89 -21.74
CA PRO A 97 -16.41 -14.12 -20.89
C PRO A 97 -16.84 -14.05 -19.42
N LEU A 98 -15.90 -13.75 -18.54
CA LEU A 98 -16.20 -13.61 -17.13
C LEU A 98 -16.96 -12.31 -16.91
N MET A 99 -18.06 -12.34 -16.18
CA MET A 99 -18.86 -11.14 -15.92
C MET A 99 -19.37 -11.07 -14.49
N VAL A 100 -19.18 -9.92 -13.85
CA VAL A 100 -19.63 -9.70 -12.48
C VAL A 100 -20.76 -8.68 -12.58
N ILE A 101 -21.93 -9.05 -12.07
CA ILE A 101 -23.11 -8.19 -12.18
C ILE A 101 -23.60 -7.52 -10.90
N THR A 102 -23.82 -6.21 -10.95
CA THR A 102 -24.32 -5.50 -9.80
C THR A 102 -25.56 -4.69 -10.13
N GLU A 103 -26.23 -4.21 -9.09
CA GLU A 103 -27.40 -3.39 -9.24
C GLU A 103 -26.97 -2.18 -10.06
N PHE A 104 -27.94 -1.48 -10.63
CA PHE A 104 -27.69 -0.31 -11.46
C PHE A 104 -28.04 0.95 -10.69
N CYS A 105 -27.17 1.96 -10.73
CA CYS A 105 -27.39 3.25 -10.05
C CYS A 105 -27.49 4.30 -11.16
N LYS A 106 -28.70 4.57 -11.61
CA LYS A 106 -28.90 5.49 -12.73
C LYS A 106 -28.30 6.89 -12.75
N PHE A 107 -28.12 7.53 -11.59
CA PHE A 107 -27.58 8.89 -11.59
C PHE A 107 -26.04 8.97 -11.72
N GLY A 108 -25.35 7.85 -11.55
CA GLY A 108 -23.90 7.87 -11.70
C GLY A 108 -23.13 8.28 -10.45
N ASN A 109 -21.90 8.76 -10.66
CA ASN A 109 -21.05 9.16 -9.54
C ASN A 109 -21.49 10.47 -8.90
N LEU A 110 -21.42 10.50 -7.58
CA LEU A 110 -21.84 11.64 -6.78
C LEU A 110 -21.25 12.97 -7.21
N SER A 111 -20.00 12.94 -7.65
CA SER A 111 -19.32 14.17 -8.02
C SER A 111 -20.01 14.87 -9.18
N THR A 112 -20.12 14.16 -10.30
CA THR A 112 -20.77 14.72 -11.49
C THR A 112 -22.18 15.15 -11.14
N TYR A 113 -22.88 14.35 -10.35
CA TYR A 113 -24.24 14.67 -9.98
C TYR A 113 -24.35 15.99 -9.22
N LEU A 114 -23.50 16.17 -8.21
CA LEU A 114 -23.51 17.39 -7.38
C LEU A 114 -23.20 18.63 -8.20
N ARG A 115 -22.32 18.46 -9.18
CA ARG A 115 -21.94 19.56 -10.04
C ARG A 115 -23.14 20.00 -10.85
N SER A 116 -23.99 19.05 -11.22
CA SER A 116 -25.15 19.39 -12.03
C SER A 116 -26.30 19.99 -11.23
N LYS A 117 -26.11 20.20 -9.93
CA LYS A 117 -27.20 20.75 -9.11
C LYS A 117 -26.83 22.08 -8.47
N ARG A 118 -25.71 22.65 -8.90
CA ARG A 118 -25.26 23.91 -8.34
C ARG A 118 -26.24 25.07 -8.50
N ASN A 119 -27.11 25.02 -9.49
CA ASN A 119 -28.09 26.09 -9.67
C ASN A 119 -29.43 25.64 -9.07
N GLU A 120 -29.42 24.46 -8.45
CA GLU A 120 -30.62 23.91 -7.83
C GLU A 120 -30.32 23.56 -6.37
N PHE A 121 -29.90 24.57 -5.61
CA PHE A 121 -29.56 24.40 -4.21
C PHE A 121 -30.06 25.50 -3.27
N VAL A 122 -30.52 25.08 -2.11
CA VAL A 122 -30.99 25.95 -1.05
C VAL A 122 -30.63 25.17 0.21
N PRO A 123 -30.20 25.87 1.25
CA PRO A 123 -29.82 25.18 2.49
C PRO A 123 -30.95 24.40 3.13
N TYR A 124 -32.16 24.91 2.93
CA TYR A 124 -33.32 24.29 3.52
C TYR A 124 -34.56 24.83 2.81
N LYS A 125 -35.71 24.18 2.99
CA LYS A 125 -36.93 24.61 2.32
C LYS A 125 -38.00 25.17 3.21
N VAL A 126 -38.76 26.09 2.62
CA VAL A 126 -39.91 26.71 3.26
C VAL A 126 -41.05 26.83 2.24
N ALA A 127 -42.30 26.82 2.70
CA ALA A 127 -43.46 26.94 1.81
C ALA A 127 -43.41 28.29 1.13
N PRO A 128 -43.76 28.37 -0.17
CA PRO A 128 -44.21 27.28 -1.05
C PRO A 128 -43.07 26.42 -1.59
N GLU A 129 -43.01 25.18 -1.12
CA GLU A 129 -41.96 24.23 -1.49
C GLU A 129 -41.80 23.87 -2.96
N ASP A 130 -42.84 24.02 -3.78
CA ASP A 130 -42.72 23.65 -5.20
C ASP A 130 -41.70 24.53 -5.91
N LEU A 131 -41.29 25.58 -5.23
CA LEU A 131 -40.30 26.47 -5.77
C LEU A 131 -38.96 25.74 -5.74
N TYR A 132 -38.94 24.57 -5.12
CA TYR A 132 -37.72 23.81 -4.98
C TYR A 132 -37.79 22.35 -5.41
N LYS A 133 -38.75 21.99 -6.26
CA LYS A 133 -38.87 20.62 -6.75
C LYS A 133 -37.45 20.09 -7.01
N ASP A 134 -37.15 18.91 -6.49
CA ASP A 134 -35.85 18.28 -6.72
C ASP A 134 -34.64 19.18 -6.47
N PHE A 135 -34.64 19.89 -5.36
CA PHE A 135 -33.52 20.77 -5.07
C PHE A 135 -32.60 20.10 -4.08
N LEU A 136 -31.31 20.40 -4.18
CA LEU A 136 -30.37 19.85 -3.23
C LEU A 136 -30.39 20.79 -2.03
N THR A 137 -30.22 20.25 -0.84
CA THR A 137 -30.23 21.05 0.38
C THR A 137 -29.19 20.53 1.35
N LEU A 138 -28.95 21.27 2.42
CA LEU A 138 -27.97 20.83 3.42
C LEU A 138 -28.30 19.42 3.95
N GLU A 139 -29.59 19.11 4.06
CA GLU A 139 -29.97 17.80 4.55
C GLU A 139 -29.44 16.76 3.59
N HIS A 140 -29.59 17.02 2.29
CA HIS A 140 -29.08 16.07 1.30
C HIS A 140 -27.57 15.86 1.47
N LEU A 141 -26.82 16.95 1.57
CA LEU A 141 -25.37 16.83 1.69
C LEU A 141 -24.96 16.05 2.93
N ILE A 142 -25.57 16.35 4.06
CA ILE A 142 -25.24 15.68 5.31
C ILE A 142 -25.67 14.22 5.26
N CYS A 143 -26.81 13.98 4.60
CA CYS A 143 -27.36 12.64 4.44
C CYS A 143 -26.44 11.74 3.59
N TYR A 144 -25.90 12.31 2.51
CA TYR A 144 -25.00 11.55 1.66
C TYR A 144 -23.76 11.18 2.48
N SER A 145 -23.26 12.14 3.25
CA SER A 145 -22.10 11.94 4.10
C SER A 145 -22.37 10.85 5.12
N PHE A 146 -23.54 10.91 5.74
CA PHE A 146 -23.93 9.93 6.73
C PHE A 146 -23.90 8.53 6.11
N GLN A 147 -24.59 8.37 4.98
CA GLN A 147 -24.66 7.07 4.31
C GLN A 147 -23.30 6.47 3.97
N VAL A 148 -22.40 7.30 3.45
CA VAL A 148 -21.07 6.83 3.09
C VAL A 148 -20.30 6.42 4.34
N ALA A 149 -20.57 7.11 5.44
CA ALA A 149 -19.91 6.77 6.68
C ALA A 149 -20.38 5.37 7.09
N LYS A 150 -21.68 5.12 7.01
CA LYS A 150 -22.20 3.82 7.38
C LYS A 150 -21.62 2.72 6.50
N GLY A 151 -21.51 3.00 5.20
CA GLY A 151 -20.96 2.02 4.28
C GLY A 151 -19.52 1.72 4.66
N MET A 152 -18.78 2.77 5.01
CA MET A 152 -17.39 2.59 5.40
C MET A 152 -17.27 1.85 6.73
N GLU A 153 -18.16 2.15 7.68
CA GLU A 153 -18.15 1.46 8.97
C GLU A 153 -18.38 -0.03 8.69
N PHE A 154 -19.23 -0.31 7.71
CA PHE A 154 -19.56 -1.68 7.31
C PHE A 154 -18.33 -2.37 6.71
N LEU A 155 -17.67 -1.70 5.77
CA LEU A 155 -16.48 -2.25 5.14
C LEU A 155 -15.35 -2.40 6.14
N ALA A 156 -15.12 -1.37 6.95
CA ALA A 156 -14.07 -1.40 7.94
C ALA A 156 -14.25 -2.55 8.94
N SER A 157 -15.49 -2.76 9.39
CA SER A 157 -15.77 -3.82 10.35
C SER A 157 -15.47 -5.21 9.77
N ARG A 158 -15.13 -5.25 8.49
CA ARG A 158 -14.82 -6.50 7.84
C ARG A 158 -13.38 -6.54 7.37
N LYS A 159 -12.54 -5.70 7.98
CA LYS A 159 -11.12 -5.61 7.63
C LYS A 159 -10.92 -5.21 6.18
N CYS A 160 -11.89 -4.51 5.62
CA CYS A 160 -11.81 -4.11 4.23
C CYS A 160 -11.37 -2.65 4.09
N ILE A 161 -10.30 -2.42 3.32
CA ILE A 161 -9.77 -1.07 3.11
C ILE A 161 -10.08 -0.58 1.69
N HIS A 162 -10.78 0.54 1.57
CA HIS A 162 -11.15 1.05 0.25
C HIS A 162 -9.97 1.37 -0.67
N ARG A 163 -9.02 2.16 -0.18
CA ARG A 163 -7.83 2.55 -0.95
C ARG A 163 -8.03 3.66 -1.97
N ASP A 164 -9.27 4.07 -2.20
CA ASP A 164 -9.55 5.12 -3.16
C ASP A 164 -10.93 5.75 -2.93
N LEU A 165 -11.22 6.06 -1.67
CA LEU A 165 -12.47 6.67 -1.30
C LEU A 165 -12.51 8.11 -1.80
N ALA A 166 -13.40 8.36 -2.75
CA ALA A 166 -13.61 9.68 -3.36
C ALA A 166 -15.01 9.72 -3.99
N ALA A 167 -15.48 10.92 -4.29
CA ALA A 167 -16.80 11.10 -4.88
C ALA A 167 -17.03 10.27 -6.14
N ARG A 168 -16.02 10.13 -6.98
CA ARG A 168 -16.18 9.38 -8.22
C ARG A 168 -16.48 7.91 -7.96
N ASN A 169 -16.20 7.45 -6.74
CA ASN A 169 -16.47 6.06 -6.39
C ASN A 169 -17.74 5.89 -5.58
N ILE A 170 -18.52 6.96 -5.52
CA ILE A 170 -19.80 6.91 -4.84
C ILE A 170 -20.83 7.03 -5.97
N LEU A 171 -21.78 6.11 -6.00
CA LEU A 171 -22.82 6.12 -7.03
C LEU A 171 -24.14 6.51 -6.41
N LEU A 172 -25.00 7.16 -7.19
CA LEU A 172 -26.31 7.61 -6.71
C LEU A 172 -27.47 6.89 -7.39
N SER A 173 -28.33 6.29 -6.57
CA SER A 173 -29.51 5.58 -7.04
C SER A 173 -30.74 6.42 -6.78
N GLU A 174 -31.90 5.81 -6.99
CA GLU A 174 -33.18 6.47 -6.74
C GLU A 174 -33.35 6.74 -5.25
N LYS A 175 -34.15 7.75 -4.92
CA LYS A 175 -34.45 8.11 -3.53
C LYS A 175 -33.24 8.47 -2.68
N ASN A 176 -32.31 9.18 -3.31
CA ASN A 176 -31.09 9.65 -2.66
C ASN A 176 -30.29 8.64 -1.88
N VAL A 177 -30.23 7.42 -2.38
CA VAL A 177 -29.44 6.38 -1.73
C VAL A 177 -28.09 6.27 -2.44
N VAL A 178 -27.01 6.48 -1.69
CA VAL A 178 -25.69 6.39 -2.27
C VAL A 178 -25.03 5.04 -1.98
N LYS A 179 -24.14 4.64 -2.87
CA LYS A 179 -23.46 3.36 -2.67
C LYS A 179 -21.97 3.44 -2.96
N ILE A 180 -21.18 2.76 -2.12
CA ILE A 180 -19.74 2.72 -2.27
C ILE A 180 -19.37 1.59 -3.22
N CYS A 181 -18.40 1.84 -4.10
CA CYS A 181 -17.96 0.83 -5.06
C CYS A 181 -16.47 0.96 -5.36
N ASP A 182 -15.93 -0.04 -6.04
CA ASP A 182 -14.51 -0.08 -6.41
C ASP A 182 -13.55 0.00 -5.25
N PHE A 183 -13.84 -0.74 -4.19
CA PHE A 183 -12.97 -0.77 -3.02
C PHE A 183 -12.05 -2.00 -3.04
N GLY A 184 -10.93 -1.89 -2.33
CA GLY A 184 -9.97 -2.98 -2.26
C GLY A 184 -9.41 -3.39 -3.62
N LEU A 185 -9.18 -2.43 -4.49
CA LEU A 185 -8.65 -2.70 -5.82
C LEU A 185 -7.26 -2.08 -5.99
N LEU A 203 -4.80 13.69 -10.17
CA LEU A 203 -4.32 12.42 -9.65
C LEU A 203 -4.99 12.05 -8.34
N PRO A 204 -4.90 10.77 -7.96
CA PRO A 204 -5.47 10.26 -6.73
C PRO A 204 -4.68 10.70 -5.50
N LEU A 205 -3.51 11.30 -5.70
CA LEU A 205 -2.69 11.77 -4.60
C LEU A 205 -3.51 12.73 -3.74
N LYS A 206 -4.43 13.42 -4.39
CA LYS A 206 -5.27 14.37 -3.69
C LYS A 206 -6.15 13.76 -2.61
N TRP A 207 -6.37 12.45 -2.66
CA TRP A 207 -7.21 11.79 -1.67
C TRP A 207 -6.38 10.94 -0.70
N MET A 208 -5.09 10.80 -0.99
CA MET A 208 -4.21 9.98 -0.16
C MET A 208 -3.67 10.65 1.09
N ALA A 209 -3.71 9.91 2.20
CA ALA A 209 -3.19 10.39 3.47
C ALA A 209 -1.65 10.50 3.35
N PRO A 210 -1.04 11.40 4.13
CA PRO A 210 0.42 11.63 4.13
C PRO A 210 1.23 10.33 4.25
N GLU A 211 0.84 9.46 5.18
CA GLU A 211 1.54 8.20 5.36
C GLU A 211 1.44 7.31 4.10
N THR A 212 0.30 7.37 3.40
CA THR A 212 0.09 6.59 2.18
C THR A 212 1.02 7.08 1.06
N ILE A 213 1.17 8.40 0.98
CA ILE A 213 2.04 9.00 -0.03
C ILE A 213 3.51 8.70 0.29
N PHE A 214 3.97 9.10 1.47
CA PHE A 214 5.37 8.92 1.85
C PHE A 214 5.79 7.50 2.25
N ASP A 215 4.88 6.71 2.83
CA ASP A 215 5.22 5.36 3.24
C ASP A 215 4.53 4.24 2.45
N ARG A 216 3.52 4.59 1.65
CA ARG A 216 2.79 3.60 0.88
C ARG A 216 1.99 2.68 1.78
N VAL A 217 1.56 3.24 2.91
CA VAL A 217 0.76 2.51 3.90
C VAL A 217 -0.73 2.80 3.73
N TYR A 218 -1.52 1.74 3.62
CA TYR A 218 -2.98 1.86 3.47
C TYR A 218 -3.62 1.22 4.69
N THR A 219 -4.32 2.01 5.49
CA THR A 219 -4.98 1.50 6.68
C THR A 219 -6.40 2.03 6.68
N ILE A 220 -7.19 1.62 7.65
CA ILE A 220 -8.56 2.09 7.75
C ILE A 220 -8.49 3.58 8.06
N GLN A 221 -7.47 3.98 8.82
CA GLN A 221 -7.31 5.37 9.18
C GLN A 221 -6.96 6.23 7.95
N SER A 222 -6.27 5.65 6.97
CA SER A 222 -5.93 6.42 5.79
C SER A 222 -7.19 6.60 4.93
N ASP A 223 -8.16 5.70 5.09
CA ASP A 223 -9.44 5.82 4.38
C ASP A 223 -10.22 6.94 5.04
N VAL A 224 -9.98 7.18 6.33
CA VAL A 224 -10.66 8.26 7.03
C VAL A 224 -10.19 9.60 6.45
N TRP A 225 -8.89 9.73 6.22
CA TRP A 225 -8.33 10.94 5.64
C TRP A 225 -9.07 11.22 4.33
N SER A 226 -9.21 10.15 3.53
CA SER A 226 -9.89 10.23 2.25
C SER A 226 -11.35 10.63 2.42
N PHE A 227 -11.99 10.12 3.47
CA PHE A 227 -13.37 10.47 3.77
C PHE A 227 -13.42 11.98 3.95
N GLY A 228 -12.34 12.53 4.48
CA GLY A 228 -12.26 13.96 4.69
C GLY A 228 -12.31 14.70 3.37
N VAL A 229 -11.54 14.24 2.39
CA VAL A 229 -11.53 14.87 1.07
C VAL A 229 -12.89 14.70 0.40
N LEU A 230 -13.54 13.57 0.67
CA LEU A 230 -14.84 13.28 0.11
C LEU A 230 -15.86 14.25 0.66
N LEU A 231 -15.74 14.54 1.95
CA LEU A 231 -16.67 15.47 2.60
C LEU A 231 -16.58 16.80 1.90
N TRP A 232 -15.35 17.24 1.67
CA TRP A 232 -15.08 18.49 1.02
C TRP A 232 -15.70 18.52 -0.37
N GLU A 233 -15.56 17.41 -1.10
CA GLU A 233 -16.13 17.32 -2.44
C GLU A 233 -17.63 17.53 -2.35
N ILE A 234 -18.27 16.83 -1.40
CA ILE A 234 -19.70 16.94 -1.21
C ILE A 234 -20.11 18.37 -0.90
N PHE A 235 -19.44 19.01 0.05
CA PHE A 235 -19.82 20.38 0.40
C PHE A 235 -19.24 21.49 -0.46
N SER A 236 -18.70 21.10 -1.62
CA SER A 236 -18.16 22.04 -2.58
C SER A 236 -19.02 21.83 -3.82
N LEU A 237 -19.98 20.91 -3.69
CA LEU A 237 -20.90 20.53 -4.75
C LEU A 237 -20.21 20.07 -6.01
N GLY A 238 -19.32 19.08 -5.86
CA GLY A 238 -18.63 18.51 -7.01
C GLY A 238 -17.30 19.08 -7.45
N ALA A 239 -16.74 19.98 -6.66
CA ALA A 239 -15.48 20.63 -6.98
C ALA A 239 -14.28 19.71 -6.88
N SER A 240 -13.22 20.09 -7.59
CA SER A 240 -11.99 19.31 -7.55
C SER A 240 -11.22 19.84 -6.35
N PRO A 241 -10.70 18.93 -5.52
CA PRO A 241 -9.94 19.33 -4.33
C PRO A 241 -8.61 20.00 -4.64
N TYR A 242 -8.19 20.89 -3.75
CA TYR A 242 -6.94 21.64 -3.91
C TYR A 242 -6.93 22.38 -5.22
N PRO A 243 -7.93 23.24 -5.43
CA PRO A 243 -8.01 24.02 -6.68
C PRO A 243 -6.78 24.90 -6.94
N GLY A 244 -6.33 24.89 -8.20
CA GLY A 244 -5.18 25.69 -8.58
C GLY A 244 -3.82 25.21 -8.13
N VAL A 245 -3.79 24.25 -7.22
CA VAL A 245 -2.53 23.72 -6.72
C VAL A 245 -1.94 22.65 -7.65
N LYS A 246 -0.63 22.70 -7.85
CA LYS A 246 0.03 21.71 -8.68
C LYS A 246 0.37 20.54 -7.77
N ILE A 247 0.24 19.32 -8.26
CA ILE A 247 0.55 18.15 -7.45
C ILE A 247 1.99 17.73 -7.68
N ASP A 248 2.89 18.30 -6.87
CA ASP A 248 4.32 18.02 -6.97
C ASP A 248 4.94 17.85 -5.57
N GLU A 249 6.26 18.00 -5.50
CA GLU A 249 6.99 17.86 -4.25
C GLU A 249 6.52 18.86 -3.20
N GLU A 250 6.34 20.11 -3.62
CA GLU A 250 5.92 21.16 -2.72
C GLU A 250 4.54 20.86 -2.11
N PHE A 251 3.63 20.30 -2.92
CA PHE A 251 2.30 19.95 -2.44
C PHE A 251 2.34 18.91 -1.32
N CYS A 252 3.11 17.84 -1.53
CA CYS A 252 3.23 16.76 -0.55
C CYS A 252 3.88 17.27 0.73
N ARG A 253 4.88 18.13 0.57
CA ARG A 253 5.59 18.68 1.71
C ARG A 253 4.59 19.42 2.60
N ARG A 254 3.84 20.36 2.03
CA ARG A 254 2.87 21.12 2.82
C ARG A 254 1.85 20.24 3.52
N LEU A 255 1.48 19.13 2.88
CA LEU A 255 0.53 18.19 3.45
C LEU A 255 1.16 17.65 4.72
N LYS A 256 2.48 17.51 4.70
CA LYS A 256 3.22 17.04 5.85
C LYS A 256 3.37 18.17 6.87
N GLU A 257 3.76 19.35 6.39
CA GLU A 257 3.91 20.51 7.25
C GLU A 257 2.64 20.73 8.06
N GLY A 258 1.48 20.36 7.50
CA GLY A 258 0.23 20.51 8.21
C GLY A 258 -0.84 21.35 7.52
N THR A 259 -0.50 21.88 6.33
CA THR A 259 -1.41 22.72 5.54
C THR A 259 -2.65 21.93 5.11
N ARG A 260 -3.81 22.60 5.08
CA ARG A 260 -5.07 21.95 4.72
C ARG A 260 -5.99 22.83 3.85
N MET A 261 -6.86 22.20 3.07
CA MET A 261 -7.82 22.94 2.24
C MET A 261 -8.64 23.87 3.12
N ARG A 262 -9.14 24.95 2.53
CA ARG A 262 -9.97 25.90 3.27
C ARG A 262 -11.40 25.39 3.12
N ALA A 263 -12.29 25.87 3.99
CA ALA A 263 -13.70 25.45 3.95
C ALA A 263 -14.37 25.65 2.59
N PRO A 264 -15.12 24.64 2.12
CA PRO A 264 -15.82 24.73 0.83
C PRO A 264 -17.04 25.65 0.95
N ASP A 265 -17.55 26.14 -0.18
CA ASP A 265 -18.68 27.07 -0.18
C ASP A 265 -20.03 26.63 0.38
N TYR A 266 -20.30 25.33 0.48
CA TYR A 266 -21.60 24.90 1.01
C TYR A 266 -21.48 24.20 2.35
N THR A 267 -20.32 24.32 2.96
CA THR A 267 -20.09 23.69 4.24
C THR A 267 -20.70 24.44 5.41
N THR A 268 -20.91 23.72 6.51
CA THR A 268 -21.41 24.33 7.73
C THR A 268 -20.17 24.34 8.62
N PRO A 269 -20.19 25.11 9.72
CA PRO A 269 -19.02 25.15 10.61
C PRO A 269 -18.59 23.78 11.13
N GLU A 270 -19.56 23.03 11.67
CA GLU A 270 -19.31 21.70 12.22
C GLU A 270 -18.73 20.73 11.18
N MET A 271 -19.27 20.76 9.98
CA MET A 271 -18.82 19.88 8.92
C MET A 271 -17.35 20.10 8.54
N TYR A 272 -16.95 21.37 8.49
CA TYR A 272 -15.57 21.70 8.13
C TYR A 272 -14.61 21.29 9.21
N GLN A 273 -15.12 21.19 10.44
CA GLN A 273 -14.29 20.77 11.54
C GLN A 273 -14.17 19.26 11.44
N THR A 274 -15.23 18.59 10.99
CA THR A 274 -15.17 17.13 10.83
C THR A 274 -14.12 16.81 9.78
N MET A 275 -14.04 17.66 8.76
CA MET A 275 -13.05 17.47 7.71
C MET A 275 -11.69 17.57 8.38
N LEU A 276 -11.42 18.69 9.04
CA LEU A 276 -10.13 18.90 9.68
C LEU A 276 -9.77 17.74 10.58
N ASP A 277 -10.75 17.25 11.34
CA ASP A 277 -10.52 16.12 12.23
C ASP A 277 -10.04 14.91 11.41
N CYS A 278 -10.72 14.64 10.30
CA CYS A 278 -10.34 13.53 9.46
C CYS A 278 -8.93 13.70 8.90
N TRP A 279 -8.51 14.96 8.76
CA TRP A 279 -7.19 15.25 8.20
C TRP A 279 -6.10 15.42 9.23
N HIS A 280 -6.33 14.87 10.41
CA HIS A 280 -5.33 14.95 11.45
C HIS A 280 -4.02 14.30 11.00
N GLY A 281 -2.91 14.92 11.38
CA GLY A 281 -1.60 14.40 11.00
C GLY A 281 -1.34 12.99 11.50
N GLU A 282 -1.66 12.74 12.77
CA GLU A 282 -1.47 11.42 13.37
C GLU A 282 -2.71 10.57 13.09
N PRO A 283 -2.54 9.47 12.36
CA PRO A 283 -3.65 8.57 12.02
C PRO A 283 -4.46 8.17 13.23
N SER A 284 -3.77 7.82 14.31
CA SER A 284 -4.41 7.39 15.55
C SER A 284 -5.30 8.45 16.16
N GLN A 285 -5.04 9.71 15.84
CA GLN A 285 -5.84 10.80 16.38
C GLN A 285 -7.03 11.14 15.52
N ARG A 286 -7.21 10.40 14.42
CA ARG A 286 -8.33 10.63 13.53
C ARG A 286 -9.56 9.88 14.04
N PRO A 287 -10.74 10.39 13.73
CA PRO A 287 -11.96 9.72 14.19
C PRO A 287 -12.12 8.40 13.44
N THR A 288 -12.84 7.46 14.03
CA THR A 288 -13.07 6.18 13.38
C THR A 288 -14.37 6.35 12.60
N PHE A 289 -14.64 5.45 11.66
CA PHE A 289 -15.88 5.58 10.92
C PHE A 289 -17.08 5.47 11.85
N SER A 290 -16.96 4.67 12.91
CA SER A 290 -18.07 4.55 13.87
C SER A 290 -18.35 5.89 14.54
N GLU A 291 -17.29 6.58 14.94
CA GLU A 291 -17.47 7.87 15.58
C GLU A 291 -18.11 8.81 14.58
N LEU A 292 -17.62 8.80 13.34
CA LEU A 292 -18.16 9.65 12.28
C LEU A 292 -19.64 9.38 12.02
N VAL A 293 -20.05 8.12 12.13
CA VAL A 293 -21.45 7.80 11.88
C VAL A 293 -22.30 8.45 12.96
N GLU A 294 -21.86 8.37 14.21
CA GLU A 294 -22.63 8.96 15.30
C GLU A 294 -22.65 10.48 15.14
N HIS A 295 -21.49 11.07 14.89
CA HIS A 295 -21.39 12.52 14.72
C HIS A 295 -22.29 13.04 13.58
N LEU A 296 -22.11 12.51 12.38
CA LEU A 296 -22.91 12.95 11.25
C LEU A 296 -24.38 12.66 11.49
N GLY A 297 -24.65 11.62 12.28
CA GLY A 297 -26.03 11.28 12.58
C GLY A 297 -26.66 12.40 13.39
N ASN A 298 -25.93 12.90 14.38
CA ASN A 298 -26.39 13.99 15.24
C ASN A 298 -26.51 15.29 14.46
N LEU A 299 -25.57 15.52 13.54
CA LEU A 299 -25.63 16.73 12.74
C LEU A 299 -26.90 16.69 11.90
N LEU A 300 -27.16 15.53 11.30
CA LEU A 300 -28.34 15.35 10.48
C LEU A 300 -29.61 15.68 11.27
N GLN A 301 -29.67 15.24 12.52
CA GLN A 301 -30.84 15.50 13.35
C GLN A 301 -30.93 16.98 13.70
N ALA A 302 -29.79 17.56 14.02
CA ALA A 302 -29.72 18.97 14.38
C ALA A 302 -30.26 19.83 13.24
N ASN A 303 -29.88 19.47 12.02
CA ASN A 303 -30.29 20.17 10.83
C ASN A 303 -31.80 20.03 10.63
N ALA A 304 -32.31 18.83 10.89
CA ALA A 304 -33.74 18.55 10.71
C ALA A 304 -34.59 19.36 11.67
N GLN A 305 -34.14 19.43 12.91
CA GLN A 305 -34.85 20.19 13.93
C GLN A 305 -34.89 21.64 13.46
N GLN A 306 -33.71 22.19 13.17
CA GLN A 306 -33.61 23.55 12.68
C GLN A 306 -34.57 23.76 11.52
N ASP A 307 -34.58 22.83 10.58
CA ASP A 307 -35.47 22.93 9.42
C ASP A 307 -36.93 22.92 9.81
N ARG A 308 -37.29 22.13 10.81
CA ARG A 308 -38.68 22.11 11.23
C ARG A 308 -39.08 23.50 11.70
N HIS A 309 -38.18 24.20 12.38
CA HIS A 309 -38.46 25.55 12.87
C HIS A 309 -38.56 26.52 11.73
N HIS A 310 -37.59 26.48 10.83
CA HIS A 310 -37.59 27.39 9.70
C HIS A 310 -38.93 27.27 9.00
N HIS A 311 -39.32 26.02 8.77
CA HIS A 311 -40.55 25.66 8.08
C HIS A 311 -41.83 26.07 8.78
N HIS A 312 -41.82 25.97 10.10
CA HIS A 312 -42.99 26.31 10.91
C HIS A 312 -43.23 27.82 11.09
N HIS A 313 -42.16 28.62 11.13
CA HIS A 313 -42.35 30.06 11.31
C HIS A 313 -42.44 30.86 10.03
N HIS A 314 -42.35 30.19 8.89
CA HIS A 314 -42.46 30.89 7.63
C HIS A 314 -43.38 30.16 6.66
N PRO B 7 31.62 -27.00 -5.26
CA PRO B 7 31.21 -28.36 -4.81
C PRO B 7 30.18 -28.19 -3.71
N TYR B 8 30.35 -29.00 -2.68
CA TYR B 8 29.48 -28.98 -1.52
C TYR B 8 29.89 -30.02 -0.49
N ASP B 9 30.39 -29.55 0.66
CA ASP B 9 30.85 -30.41 1.75
C ASP B 9 29.75 -30.79 2.73
N ALA B 10 29.06 -31.91 2.46
CA ALA B 10 27.99 -32.37 3.34
C ALA B 10 28.48 -32.53 4.77
N SER B 11 29.70 -33.05 4.90
CA SER B 11 30.31 -33.30 6.19
C SER B 11 30.31 -32.05 7.07
N LYS B 12 30.41 -30.88 6.45
CA LYS B 12 30.45 -29.62 7.20
C LYS B 12 29.10 -28.91 7.32
N TRP B 13 28.24 -29.03 6.32
CA TRP B 13 26.96 -28.33 6.34
C TRP B 13 25.67 -29.12 6.53
N GLU B 14 25.64 -30.38 6.10
CA GLU B 14 24.44 -31.21 6.24
C GLU B 14 23.97 -31.28 7.70
N PHE B 15 22.66 -31.14 7.88
CA PHE B 15 22.04 -31.17 9.21
C PHE B 15 20.77 -32.03 9.17
N PRO B 16 20.64 -32.97 10.12
CA PRO B 16 19.50 -33.89 10.23
C PRO B 16 18.14 -33.19 10.34
N ARG B 17 17.23 -33.54 9.42
CA ARG B 17 15.90 -32.93 9.42
C ARG B 17 15.11 -33.11 10.72
N ASP B 18 15.38 -34.18 11.46
CA ASP B 18 14.60 -34.39 12.66
C ASP B 18 15.14 -33.69 13.88
N ARG B 19 15.98 -32.70 13.62
CA ARG B 19 16.53 -31.91 14.71
C ARG B 19 16.01 -30.50 14.50
N LEU B 20 15.19 -30.34 13.46
CA LEU B 20 14.58 -29.07 13.10
C LEU B 20 13.11 -29.15 13.45
N LYS B 21 12.62 -28.13 14.13
CA LYS B 21 11.23 -28.09 14.50
C LYS B 21 10.69 -26.84 13.82
N LEU B 22 10.15 -27.02 12.62
CA LEU B 22 9.61 -25.91 11.84
C LEU B 22 8.46 -25.24 12.60
N GLY B 23 8.57 -23.94 12.81
CA GLY B 23 7.52 -23.22 13.50
C GLY B 23 6.68 -22.40 12.55
N LYS B 24 6.42 -21.15 12.91
CA LYS B 24 5.61 -20.26 12.07
C LYS B 24 6.38 -19.68 10.91
N PRO B 25 5.67 -19.37 9.82
CA PRO B 25 6.26 -18.79 8.61
C PRO B 25 6.68 -17.36 8.88
N LEU B 26 7.52 -16.81 8.02
CA LEU B 26 7.97 -15.44 8.15
C LEU B 26 7.79 -14.78 6.77
N GLY B 27 8.03 -15.58 5.73
CA GLY B 27 7.91 -15.09 4.37
C GLY B 27 7.32 -16.12 3.43
N ARG B 28 6.47 -15.67 2.52
CA ARG B 28 5.84 -16.57 1.55
C ARG B 28 5.85 -15.92 0.18
N GLY B 32 10.52 -19.48 -2.70
CA GLY B 32 10.35 -20.42 -1.61
C GLY B 32 9.43 -19.90 -0.52
N GLN B 33 9.89 -19.98 0.73
CA GLN B 33 9.14 -19.52 1.88
C GLN B 33 10.02 -19.62 3.13
N VAL B 34 10.30 -18.49 3.77
CA VAL B 34 11.14 -18.50 4.97
C VAL B 34 10.30 -18.87 6.20
N ILE B 35 10.82 -19.79 6.99
CA ILE B 35 10.12 -20.28 8.18
C ILE B 35 10.98 -20.23 9.43
N GLU B 36 10.36 -19.91 10.56
CA GLU B 36 11.06 -19.86 11.83
C GLU B 36 11.13 -21.30 12.36
N ALA B 37 12.23 -21.67 13.02
CA ALA B 37 12.34 -23.02 13.53
C ALA B 37 13.40 -23.17 14.61
N ASP B 38 13.31 -24.29 15.34
CA ASP B 38 14.28 -24.58 16.39
C ASP B 38 15.16 -25.72 15.90
N ALA B 39 16.47 -25.53 16.03
CA ALA B 39 17.44 -26.54 15.64
C ALA B 39 18.20 -27.01 16.88
N PHE B 40 18.29 -28.32 17.06
CA PHE B 40 18.99 -28.88 18.21
C PHE B 40 20.37 -29.38 17.81
N GLY B 41 21.39 -28.69 18.30
CA GLY B 41 22.76 -29.08 17.97
C GLY B 41 23.25 -28.54 16.65
N ILE B 42 22.60 -27.50 16.13
CA ILE B 42 23.01 -26.92 14.87
C ILE B 42 24.45 -26.42 14.90
N ASP B 43 24.94 -26.06 16.08
CA ASP B 43 26.31 -25.56 16.24
C ASP B 43 27.00 -26.23 17.44
N LYS B 44 28.28 -25.88 17.63
CA LYS B 44 29.08 -26.46 18.72
C LYS B 44 28.52 -26.38 20.14
N THR B 45 27.80 -25.31 20.46
CA THR B 45 27.23 -25.16 21.80
C THR B 45 26.29 -26.32 22.14
N ALA B 46 25.97 -27.14 21.14
CA ALA B 46 25.09 -28.30 21.33
C ALA B 46 23.79 -27.93 22.03
N THR B 47 23.40 -26.66 21.91
CA THR B 47 22.20 -26.13 22.55
C THR B 47 21.04 -25.97 21.56
N CYS B 48 19.92 -25.45 22.04
CA CYS B 48 18.77 -25.25 21.19
C CYS B 48 18.84 -23.85 20.58
N ARG B 49 18.66 -23.76 19.27
CA ARG B 49 18.76 -22.47 18.61
C ARG B 49 17.64 -22.11 17.65
N THR B 50 17.21 -20.86 17.71
CA THR B 50 16.18 -20.38 16.81
C THR B 50 16.88 -20.08 15.48
N VAL B 51 16.27 -20.54 14.40
CA VAL B 51 16.85 -20.33 13.08
C VAL B 51 15.78 -19.98 12.05
N ALA B 52 16.24 -19.53 10.90
CA ALA B 52 15.34 -19.18 9.82
C ALA B 52 15.61 -20.22 8.75
N VAL B 53 14.56 -20.82 8.21
CA VAL B 53 14.74 -21.85 7.20
C VAL B 53 14.00 -21.55 5.91
N LYS B 54 14.72 -21.59 4.80
CA LYS B 54 14.12 -21.33 3.51
C LYS B 54 13.97 -22.69 2.81
N MET B 55 12.75 -23.02 2.42
CA MET B 55 12.50 -24.29 1.75
C MET B 55 11.57 -24.09 0.56
N LEU B 56 11.51 -25.08 -0.32
CA LEU B 56 10.66 -25.01 -1.51
C LEU B 56 9.21 -25.29 -1.15
N ALA B 60 8.72 -26.53 -6.50
CA ALA B 60 8.10 -27.56 -7.33
C ALA B 60 9.05 -27.96 -8.45
N THR B 61 9.40 -26.97 -9.28
CA THR B 61 10.29 -27.16 -10.41
C THR B 61 11.77 -27.28 -10.07
N HIS B 62 12.46 -28.13 -10.83
CA HIS B 62 13.90 -28.34 -10.65
C HIS B 62 14.63 -27.03 -10.85
N SER B 63 13.97 -26.09 -11.54
CA SER B 63 14.55 -24.78 -11.78
C SER B 63 14.64 -24.09 -10.42
N GLU B 64 13.57 -24.25 -9.64
CA GLU B 64 13.47 -23.68 -8.30
C GLU B 64 14.43 -24.40 -7.36
N HIS B 65 14.61 -25.70 -7.57
CA HIS B 65 15.48 -26.51 -6.75
C HIS B 65 16.93 -26.05 -6.90
N ARG B 66 17.44 -26.00 -8.13
CA ARG B 66 18.82 -25.59 -8.32
C ARG B 66 18.99 -24.12 -7.97
N ALA B 67 17.88 -23.39 -7.97
CA ALA B 67 17.89 -21.98 -7.63
C ALA B 67 18.20 -21.88 -6.13
N LEU B 68 17.44 -22.62 -5.34
CA LEU B 68 17.65 -22.63 -3.91
C LEU B 68 19.02 -23.23 -3.59
N MET B 69 19.40 -24.26 -4.34
CA MET B 69 20.69 -24.93 -4.18
C MET B 69 21.86 -23.96 -4.42
N SER B 70 21.76 -23.16 -5.47
CA SER B 70 22.84 -22.21 -5.79
C SER B 70 22.88 -21.13 -4.71
N GLU B 71 21.74 -20.90 -4.08
CA GLU B 71 21.63 -19.92 -3.02
C GLU B 71 22.52 -20.44 -1.88
N LEU B 72 22.39 -21.74 -1.62
CA LEU B 72 23.17 -22.43 -0.60
C LEU B 72 24.66 -22.34 -0.89
N LYS B 73 25.02 -22.56 -2.15
CA LYS B 73 26.41 -22.53 -2.58
C LYS B 73 27.01 -21.14 -2.56
N ILE B 74 26.18 -20.14 -2.82
CA ILE B 74 26.65 -18.77 -2.78
C ILE B 74 27.07 -18.46 -1.34
N LEU B 75 26.23 -18.84 -0.39
CA LEU B 75 26.50 -18.62 1.02
C LEU B 75 27.74 -19.36 1.49
N ILE B 76 27.92 -20.58 1.00
CA ILE B 76 29.08 -21.38 1.36
C ILE B 76 30.35 -20.82 0.77
N HIS B 77 30.23 -20.22 -0.41
CA HIS B 77 31.39 -19.66 -1.08
C HIS B 77 31.76 -18.30 -0.53
N ILE B 78 30.75 -17.47 -0.32
CA ILE B 78 30.97 -16.13 0.20
C ILE B 78 31.79 -16.20 1.48
N GLY B 79 31.44 -17.15 2.36
CA GLY B 79 32.14 -17.27 3.62
C GLY B 79 31.40 -16.53 4.70
N HIS B 80 32.03 -16.38 5.85
CA HIS B 80 31.40 -15.70 6.97
C HIS B 80 31.80 -14.25 7.16
N HIS B 81 30.83 -13.43 7.56
CA HIS B 81 31.04 -12.03 7.86
C HIS B 81 29.91 -11.61 8.78
N LEU B 82 30.24 -10.81 9.79
CA LEU B 82 29.26 -10.36 10.76
C LEU B 82 28.08 -9.60 10.14
N ASN B 83 28.29 -8.94 9.02
CA ASN B 83 27.21 -8.17 8.40
C ASN B 83 26.55 -8.80 7.16
N VAL B 84 26.46 -10.11 7.17
CA VAL B 84 25.85 -10.86 6.09
C VAL B 84 25.19 -12.03 6.81
N VAL B 85 23.90 -12.26 6.63
CA VAL B 85 23.23 -13.38 7.32
C VAL B 85 24.06 -14.66 7.19
N ASN B 86 24.32 -15.28 8.32
CA ASN B 86 25.11 -16.47 8.39
C ASN B 86 24.39 -17.78 8.15
N LEU B 87 25.05 -18.60 7.32
CA LEU B 87 24.57 -19.91 6.94
C LEU B 87 24.94 -20.87 8.07
N LEU B 88 23.93 -21.53 8.63
CA LEU B 88 24.14 -22.47 9.73
C LEU B 88 24.23 -23.93 9.30
N GLY B 89 23.51 -24.28 8.24
CA GLY B 89 23.49 -25.65 7.77
C GLY B 89 22.46 -25.88 6.69
N ALA B 90 22.27 -27.13 6.31
CA ALA B 90 21.32 -27.46 5.26
C ALA B 90 20.84 -28.90 5.26
N CYS B 91 19.73 -29.12 4.57
CA CYS B 91 19.14 -30.44 4.41
C CYS B 91 19.04 -30.62 2.90
N THR B 92 20.02 -31.34 2.34
CA THR B 92 20.06 -31.56 0.90
C THR B 92 19.96 -33.03 0.50
N LYS B 93 20.19 -33.94 1.45
CA LYS B 93 20.12 -35.38 1.17
C LYS B 93 18.69 -35.85 0.98
N PRO B 94 18.53 -36.99 0.27
CA PRO B 94 17.22 -37.60 -0.01
C PRO B 94 16.49 -37.85 1.31
N GLY B 95 15.16 -37.96 1.24
CA GLY B 95 14.40 -38.19 2.46
C GLY B 95 13.40 -37.10 2.83
N GLY B 96 13.62 -35.89 2.30
CA GLY B 96 12.72 -34.79 2.60
C GLY B 96 13.03 -33.58 1.74
N PRO B 97 12.35 -32.44 1.96
CA PRO B 97 12.58 -31.22 1.19
C PRO B 97 13.94 -30.56 1.39
N LEU B 98 14.38 -29.82 0.38
CA LEU B 98 15.66 -29.11 0.45
C LEU B 98 15.44 -27.93 1.38
N MET B 99 16.37 -27.73 2.30
CA MET B 99 16.25 -26.63 3.25
C MET B 99 17.58 -25.97 3.54
N VAL B 100 17.62 -24.66 3.38
CA VAL B 100 18.84 -23.89 3.68
C VAL B 100 18.58 -23.16 5.00
N ILE B 101 19.46 -23.35 5.98
CA ILE B 101 19.26 -22.73 7.30
C ILE B 101 20.26 -21.62 7.64
N THR B 102 19.75 -20.49 8.13
CA THR B 102 20.61 -19.39 8.52
C THR B 102 20.25 -18.95 9.92
N GLU B 103 21.08 -18.06 10.46
CA GLU B 103 20.87 -17.53 11.79
C GLU B 103 19.55 -16.75 11.77
N PHE B 104 19.00 -16.49 12.94
CA PHE B 104 17.73 -15.78 13.06
C PHE B 104 17.99 -14.31 13.44
N CYS B 105 17.28 -13.38 12.81
CA CYS B 105 17.43 -11.94 13.11
C CYS B 105 16.05 -11.50 13.58
N LYS B 106 15.79 -11.65 14.88
CA LYS B 106 14.49 -11.36 15.46
C LYS B 106 13.79 -10.03 15.18
N PHE B 107 14.53 -8.97 14.87
CA PHE B 107 13.86 -7.69 14.62
C PHE B 107 13.37 -7.48 13.19
N GLY B 108 13.70 -8.41 12.29
CA GLY B 108 13.24 -8.30 10.92
C GLY B 108 13.94 -7.26 10.04
N ASN B 109 13.28 -6.89 8.94
CA ASN B 109 13.85 -5.93 8.02
C ASN B 109 13.94 -4.52 8.65
N LEU B 110 15.03 -3.85 8.34
CA LEU B 110 15.33 -2.52 8.87
C LEU B 110 14.26 -1.48 8.57
N SER B 111 13.60 -1.61 7.42
CA SER B 111 12.58 -0.65 7.03
C SER B 111 11.42 -0.68 8.00
N THR B 112 10.84 -1.86 8.20
CA THR B 112 9.71 -2.01 9.11
C THR B 112 10.12 -1.59 10.51
N TYR B 113 11.31 -1.99 10.92
CA TYR B 113 11.84 -1.64 12.22
C TYR B 113 11.99 -0.15 12.43
N LEU B 114 12.63 0.53 11.47
CA LEU B 114 12.85 1.97 11.58
C LEU B 114 11.51 2.69 11.65
N ARG B 115 10.57 2.27 10.81
CA ARG B 115 9.25 2.88 10.79
C ARG B 115 8.62 2.81 12.18
N SER B 116 8.82 1.72 12.88
CA SER B 116 8.25 1.52 14.21
C SER B 116 8.98 2.26 15.32
N LYS B 117 9.96 3.09 14.97
CA LYS B 117 10.72 3.80 15.99
C LYS B 117 10.63 5.31 15.84
N ARG B 118 9.84 5.76 14.87
CA ARG B 118 9.71 7.19 14.61
C ARG B 118 9.35 8.02 15.83
N ASN B 119 8.54 7.45 16.72
CA ASN B 119 8.13 8.17 17.92
C ASN B 119 9.10 7.93 19.06
N GLU B 120 10.23 7.30 18.76
CA GLU B 120 11.22 7.01 19.79
C GLU B 120 12.56 7.35 19.19
N PHE B 121 12.65 8.55 18.66
CA PHE B 121 13.89 8.95 18.07
C PHE B 121 14.35 10.29 18.60
N VAL B 122 15.64 10.41 18.89
CA VAL B 122 16.26 11.67 19.29
C VAL B 122 17.58 11.62 18.55
N PRO B 123 18.08 12.74 18.00
CA PRO B 123 19.36 12.80 17.28
C PRO B 123 20.62 12.55 18.13
N TYR B 124 20.48 12.97 19.39
CA TYR B 124 21.47 12.90 20.45
C TYR B 124 20.99 11.92 21.56
N LYS B 125 21.48 12.14 22.78
CA LYS B 125 21.13 11.24 23.86
C LYS B 125 21.78 11.56 25.21
N TYR B 132 18.86 2.88 29.46
CA TYR B 132 17.97 1.75 29.67
C TYR B 132 16.78 1.76 28.71
N LYS B 133 16.33 2.96 28.29
CA LYS B 133 15.26 2.97 27.25
C LYS B 133 15.79 3.08 25.87
N ASP B 134 15.18 2.27 25.02
CA ASP B 134 15.52 2.09 23.64
C ASP B 134 15.16 3.11 22.53
N PHE B 135 15.92 4.18 22.59
CA PHE B 135 15.85 5.30 21.67
C PHE B 135 16.73 5.14 20.41
N LEU B 136 16.17 5.49 19.25
CA LEU B 136 16.93 5.46 18.02
C LEU B 136 17.62 6.81 18.05
N THR B 137 18.83 6.87 17.48
CA THR B 137 19.58 8.11 17.46
C THR B 137 20.42 8.21 16.18
N LEU B 138 20.86 9.41 15.85
CA LEU B 138 21.70 9.61 14.67
C LEU B 138 22.84 8.60 14.65
N GLU B 139 23.41 8.28 15.81
CA GLU B 139 24.51 7.33 15.84
C GLU B 139 24.05 5.99 15.33
N HIS B 140 22.86 5.56 15.73
CA HIS B 140 22.33 4.30 15.25
C HIS B 140 22.26 4.30 13.72
N LEU B 141 21.57 5.30 13.17
CA LEU B 141 21.42 5.45 11.73
C LEU B 141 22.74 5.41 10.99
N ILE B 142 23.74 6.11 11.52
CA ILE B 142 25.04 6.14 10.90
C ILE B 142 25.74 4.78 11.06
N CYS B 143 25.58 4.18 12.24
CA CYS B 143 26.19 2.87 12.50
C CYS B 143 25.59 1.82 11.57
N TYR B 144 24.27 1.85 11.38
CA TYR B 144 23.65 0.88 10.49
C TYR B 144 24.29 1.04 9.12
N SER B 145 24.34 2.28 8.64
CA SER B 145 24.93 2.60 7.35
C SER B 145 26.33 2.00 7.26
N PHE B 146 27.13 2.26 8.29
CA PHE B 146 28.50 1.78 8.35
C PHE B 146 28.57 0.26 8.20
N GLN B 147 27.77 -0.46 8.98
CA GLN B 147 27.76 -1.92 8.92
C GLN B 147 27.38 -2.45 7.53
N VAL B 148 26.37 -1.84 6.91
CA VAL B 148 25.95 -2.28 5.58
C VAL B 148 27.06 -1.98 4.57
N ALA B 149 27.81 -0.92 4.82
CA ALA B 149 28.90 -0.55 3.93
C ALA B 149 30.01 -1.63 3.97
N LYS B 150 30.32 -2.12 5.17
CA LYS B 150 31.35 -3.15 5.31
C LYS B 150 30.86 -4.45 4.70
N GLY B 151 29.59 -4.77 4.92
CA GLY B 151 29.02 -5.99 4.37
C GLY B 151 29.16 -5.98 2.87
N MET B 152 28.82 -4.84 2.27
CA MET B 152 28.92 -4.72 0.82
C MET B 152 30.38 -4.74 0.35
N GLU B 153 31.29 -4.14 1.12
CA GLU B 153 32.70 -4.16 0.77
C GLU B 153 33.15 -5.62 0.75
N PHE B 154 32.63 -6.38 1.71
CA PHE B 154 32.93 -7.81 1.85
C PHE B 154 32.43 -8.56 0.63
N LEU B 155 31.15 -8.40 0.32
CA LEU B 155 30.54 -9.06 -0.83
C LEU B 155 31.20 -8.63 -2.14
N ALA B 156 31.58 -7.37 -2.21
CA ALA B 156 32.21 -6.84 -3.42
C ALA B 156 33.57 -7.50 -3.60
N SER B 157 34.34 -7.54 -2.52
CA SER B 157 35.67 -8.13 -2.56
C SER B 157 35.65 -9.61 -2.91
N ARG B 158 34.49 -10.13 -3.27
CA ARG B 158 34.43 -11.54 -3.62
C ARG B 158 33.69 -11.66 -4.93
N LYS B 159 33.67 -10.57 -5.67
CA LYS B 159 33.02 -10.55 -6.97
C LYS B 159 31.55 -10.91 -6.84
N CYS B 160 30.94 -10.47 -5.75
CA CYS B 160 29.52 -10.73 -5.56
C CYS B 160 28.75 -9.43 -5.65
N ILE B 161 27.74 -9.42 -6.53
CA ILE B 161 26.90 -8.25 -6.74
C ILE B 161 25.54 -8.55 -6.10
N HIS B 162 25.02 -7.62 -5.30
CA HIS B 162 23.74 -7.84 -4.64
C HIS B 162 22.54 -7.88 -5.58
N ARG B 163 22.41 -6.85 -6.42
CA ARG B 163 21.31 -6.74 -7.39
C ARG B 163 19.99 -6.26 -6.81
N ASP B 164 19.89 -6.15 -5.49
CA ASP B 164 18.66 -5.69 -4.86
C ASP B 164 18.92 -5.16 -3.45
N LEU B 165 19.94 -4.33 -3.32
CA LEU B 165 20.32 -3.75 -2.03
C LEU B 165 19.29 -2.69 -1.61
N ALA B 166 18.51 -3.01 -0.59
CA ALA B 166 17.49 -2.12 -0.08
C ALA B 166 17.19 -2.46 1.38
N ALA B 167 16.51 -1.56 2.07
CA ALA B 167 16.17 -1.75 3.48
C ALA B 167 15.47 -3.09 3.77
N ARG B 168 14.60 -3.55 2.87
CA ARG B 168 13.89 -4.81 3.11
C ARG B 168 14.82 -6.01 3.10
N ASN B 169 16.02 -5.84 2.55
CA ASN B 169 16.97 -6.93 2.51
C ASN B 169 18.05 -6.82 3.58
N ILE B 170 17.82 -5.89 4.52
CA ILE B 170 18.73 -5.69 5.64
C ILE B 170 18.00 -6.16 6.90
N LEU B 171 18.52 -7.19 7.56
CA LEU B 171 17.91 -7.71 8.77
C LEU B 171 18.61 -7.22 10.04
N LEU B 172 17.81 -6.98 11.08
CA LEU B 172 18.32 -6.47 12.35
C LEU B 172 18.32 -7.51 13.45
N SER B 173 19.50 -7.76 14.02
CA SER B 173 19.68 -8.73 15.11
C SER B 173 19.85 -8.04 16.45
N GLU B 174 20.13 -8.83 17.49
CA GLU B 174 20.33 -8.27 18.82
C GLU B 174 21.57 -7.38 18.81
N LYS B 175 21.59 -6.40 19.70
CA LYS B 175 22.71 -5.48 19.83
C LYS B 175 23.04 -4.64 18.61
N ASN B 176 21.98 -4.15 17.95
CA ASN B 176 22.12 -3.30 16.76
C ASN B 176 23.04 -3.78 15.65
N VAL B 177 23.15 -5.08 15.46
CA VAL B 177 23.97 -5.62 14.39
C VAL B 177 23.07 -5.90 13.20
N VAL B 178 23.40 -5.33 12.04
CA VAL B 178 22.59 -5.54 10.84
C VAL B 178 23.28 -6.51 9.91
N LYS B 179 22.49 -7.20 9.11
CA LYS B 179 23.03 -8.19 8.20
C LYS B 179 22.40 -8.15 6.81
N ILE B 180 23.24 -8.29 5.79
CA ILE B 180 22.76 -8.28 4.42
C ILE B 180 22.29 -9.68 4.08
N CYS B 181 21.30 -9.78 3.22
CA CYS B 181 20.80 -11.08 2.80
C CYS B 181 20.17 -10.96 1.42
N ASP B 182 19.74 -12.09 0.87
CA ASP B 182 19.12 -12.12 -0.45
C ASP B 182 19.89 -11.39 -1.54
N PHE B 183 21.18 -11.70 -1.63
CA PHE B 183 22.03 -11.09 -2.64
C PHE B 183 22.39 -12.12 -3.70
N GLY B 184 22.61 -11.66 -4.93
CA GLY B 184 22.95 -12.55 -6.01
C GLY B 184 21.80 -13.45 -6.43
N LEU B 185 20.58 -12.91 -6.37
CA LEU B 185 19.40 -13.66 -6.75
C LEU B 185 18.69 -13.06 -7.96
N LEU B 203 7.72 -0.92 -6.91
CA LEU B 203 8.66 -1.64 -7.78
C LEU B 203 10.14 -1.38 -7.45
N PRO B 204 10.99 -2.39 -7.67
CA PRO B 204 12.43 -2.37 -7.44
C PRO B 204 13.15 -1.33 -8.29
N LEU B 205 12.45 -0.76 -9.26
CA LEU B 205 13.05 0.26 -10.12
C LEU B 205 13.55 1.45 -9.30
N LYS B 206 12.93 1.67 -8.15
CA LYS B 206 13.31 2.77 -7.27
C LYS B 206 14.72 2.63 -6.72
N TRP B 207 15.27 1.42 -6.75
CA TRP B 207 16.60 1.16 -6.22
C TRP B 207 17.63 0.92 -7.31
N MET B 208 17.16 0.69 -8.53
CA MET B 208 18.05 0.43 -9.66
C MET B 208 18.72 1.69 -10.24
N ALA B 209 20.00 1.56 -10.59
CA ALA B 209 20.76 2.64 -11.18
C ALA B 209 20.26 2.82 -12.61
N PRO B 210 20.43 4.03 -13.17
CA PRO B 210 19.99 4.32 -14.54
C PRO B 210 20.45 3.27 -15.57
N GLU B 211 21.74 2.94 -15.57
CA GLU B 211 22.26 1.95 -16.51
C GLU B 211 21.56 0.60 -16.37
N THR B 212 21.19 0.25 -15.14
CA THR B 212 20.52 -1.02 -14.89
C THR B 212 19.13 -1.00 -15.50
N ILE B 213 18.45 0.13 -15.36
CA ILE B 213 17.10 0.25 -15.91
C ILE B 213 17.13 0.25 -17.44
N PHE B 214 17.89 1.17 -18.01
CA PHE B 214 17.97 1.29 -19.46
C PHE B 214 18.81 0.23 -20.17
N ASP B 215 19.87 -0.23 -19.53
CA ASP B 215 20.74 -1.22 -20.16
C ASP B 215 20.65 -2.64 -19.60
N ARG B 216 20.10 -2.78 -18.40
CA ARG B 216 19.96 -4.08 -17.73
C ARG B 216 21.31 -4.59 -17.22
N VAL B 217 22.20 -3.63 -16.96
CA VAL B 217 23.55 -3.88 -16.48
C VAL B 217 23.66 -3.86 -14.94
N TYR B 218 24.12 -4.95 -14.36
CA TYR B 218 24.29 -5.04 -12.90
C TYR B 218 25.78 -5.10 -12.56
N THR B 219 26.26 -4.08 -11.87
CA THR B 219 27.66 -4.01 -11.50
C THR B 219 27.78 -3.67 -10.04
N ILE B 220 29.00 -3.65 -9.53
CA ILE B 220 29.21 -3.29 -8.15
C ILE B 220 28.87 -1.81 -8.04
N GLN B 221 29.09 -1.06 -9.13
CA GLN B 221 28.78 0.37 -9.11
C GLN B 221 27.28 0.64 -9.09
N SER B 222 26.49 -0.26 -9.66
CA SER B 222 25.05 -0.08 -9.65
C SER B 222 24.51 -0.44 -8.25
N ASP B 223 25.30 -1.20 -7.49
CA ASP B 223 24.93 -1.55 -6.12
C ASP B 223 25.15 -0.34 -5.23
N VAL B 224 26.09 0.51 -5.63
CA VAL B 224 26.40 1.72 -4.87
C VAL B 224 25.27 2.75 -5.03
N TRP B 225 24.66 2.76 -6.20
CA TRP B 225 23.54 3.65 -6.42
C TRP B 225 22.44 3.18 -5.46
N SER B 226 22.25 1.87 -5.41
CA SER B 226 21.23 1.31 -4.54
C SER B 226 21.57 1.63 -3.10
N PHE B 227 22.85 1.63 -2.78
CA PHE B 227 23.26 1.93 -1.42
C PHE B 227 22.79 3.35 -1.06
N GLY B 228 22.72 4.21 -2.07
CA GLY B 228 22.26 5.56 -1.83
C GLY B 228 20.79 5.59 -1.43
N VAL B 229 19.97 4.83 -2.16
CA VAL B 229 18.55 4.74 -1.87
C VAL B 229 18.37 4.11 -0.48
N LEU B 230 19.25 3.18 -0.12
CA LEU B 230 19.17 2.55 1.19
C LEU B 230 19.45 3.57 2.29
N LEU B 231 20.48 4.41 2.09
CA LEU B 231 20.81 5.45 3.06
C LEU B 231 19.60 6.35 3.27
N TRP B 232 18.96 6.72 2.16
CA TRP B 232 17.79 7.57 2.17
C TRP B 232 16.68 6.91 3.00
N GLU B 233 16.50 5.61 2.79
CA GLU B 233 15.49 4.85 3.55
C GLU B 233 15.82 4.90 5.04
N ILE B 234 17.10 4.71 5.36
CA ILE B 234 17.51 4.74 6.76
C ILE B 234 17.25 6.10 7.40
N PHE B 235 17.63 7.17 6.70
CA PHE B 235 17.46 8.52 7.24
C PHE B 235 16.10 9.15 7.04
N SER B 236 15.15 8.35 6.58
CA SER B 236 13.78 8.80 6.41
C SER B 236 13.00 7.96 7.41
N LEU B 237 13.76 7.16 8.16
CA LEU B 237 13.25 6.21 9.16
C LEU B 237 12.16 5.32 8.58
N GLY B 238 12.54 4.60 7.52
CA GLY B 238 11.63 3.66 6.90
C GLY B 238 10.59 4.17 5.91
N ALA B 239 10.85 5.30 5.26
CA ALA B 239 9.90 5.81 4.27
C ALA B 239 10.12 5.17 2.91
N SER B 240 9.17 5.36 2.01
CA SER B 240 9.29 4.79 0.68
C SER B 240 9.93 5.80 -0.28
N PRO B 241 11.00 5.39 -1.00
CA PRO B 241 11.65 6.34 -1.93
C PRO B 241 10.73 6.96 -2.99
N TYR B 242 11.08 8.16 -3.42
CA TYR B 242 10.33 8.92 -4.42
C TYR B 242 8.86 9.00 -4.09
N PRO B 243 8.51 9.59 -2.93
CA PRO B 243 7.11 9.68 -2.55
C PRO B 243 6.24 10.44 -3.55
N GLY B 244 5.05 9.90 -3.77
CA GLY B 244 4.10 10.51 -4.68
C GLY B 244 4.43 10.42 -6.15
N VAL B 245 5.65 9.98 -6.46
CA VAL B 245 6.08 9.87 -7.86
C VAL B 245 5.63 8.55 -8.46
N LYS B 246 5.15 8.61 -9.69
CA LYS B 246 4.69 7.42 -10.40
C LYS B 246 5.90 6.84 -11.10
N ILE B 247 6.02 5.52 -11.09
CA ILE B 247 7.15 4.88 -11.73
C ILE B 247 6.83 4.53 -13.18
N ASP B 248 7.09 5.50 -14.06
CA ASP B 248 6.82 5.34 -15.49
C ASP B 248 7.96 5.92 -16.34
N GLU B 249 7.66 6.16 -17.61
CA GLU B 249 8.64 6.70 -18.54
C GLU B 249 9.23 8.01 -18.06
N GLU B 250 8.37 8.93 -17.65
CA GLU B 250 8.81 10.23 -17.16
C GLU B 250 9.78 10.07 -15.99
N PHE B 251 9.51 9.12 -15.11
CA PHE B 251 10.37 8.88 -13.94
C PHE B 251 11.77 8.48 -14.36
N CYS B 252 11.85 7.48 -15.23
CA CYS B 252 13.14 6.98 -15.70
C CYS B 252 13.90 8.08 -16.43
N ARG B 253 13.17 8.92 -17.16
CA ARG B 253 13.78 10.01 -17.92
C ARG B 253 14.49 11.01 -17.01
N ARG B 254 13.77 11.53 -16.01
CA ARG B 254 14.34 12.50 -15.08
C ARG B 254 15.54 11.93 -14.34
N LEU B 255 15.48 10.63 -14.04
CA LEU B 255 16.57 9.95 -13.36
C LEU B 255 17.79 10.17 -14.27
N LYS B 256 17.56 10.07 -15.57
CA LYS B 256 18.61 10.28 -16.57
C LYS B 256 18.97 11.75 -16.66
N GLU B 257 17.96 12.61 -16.75
CA GLU B 257 18.17 14.05 -16.83
C GLU B 257 19.06 14.52 -15.67
N GLY B 258 19.00 13.82 -14.55
CA GLY B 258 19.82 14.19 -13.41
C GLY B 258 19.06 14.52 -12.14
N THR B 259 17.73 14.42 -12.17
CA THR B 259 16.89 14.70 -11.00
C THR B 259 17.10 13.68 -9.89
N ARG B 260 17.12 14.14 -8.64
CA ARG B 260 17.34 13.27 -7.49
C ARG B 260 16.37 13.55 -6.32
N MET B 261 16.24 12.61 -5.40
CA MET B 261 15.36 12.81 -4.25
C MET B 261 15.90 13.90 -3.33
N ARG B 262 14.99 14.58 -2.65
CA ARG B 262 15.39 15.64 -1.72
C ARG B 262 15.82 15.00 -0.40
N ALA B 263 16.59 15.74 0.39
CA ALA B 263 17.06 15.22 1.67
C ALA B 263 15.92 14.75 2.54
N PRO B 264 16.08 13.57 3.16
CA PRO B 264 15.08 12.96 4.05
C PRO B 264 15.09 13.71 5.39
N ASP B 265 14.01 13.60 6.15
CA ASP B 265 13.88 14.34 7.41
C ASP B 265 14.90 14.14 8.52
N TYR B 266 15.52 12.97 8.59
CA TYR B 266 16.50 12.72 9.64
C TYR B 266 17.94 12.71 9.15
N THR B 267 18.16 13.22 7.95
CA THR B 267 19.51 13.25 7.40
C THR B 267 20.35 14.42 7.91
N THR B 268 21.66 14.25 7.90
CA THR B 268 22.58 15.31 8.28
C THR B 268 23.07 15.84 6.94
N PRO B 269 23.79 16.97 6.95
CA PRO B 269 24.29 17.51 5.68
C PRO B 269 25.22 16.52 4.98
N GLU B 270 26.27 16.09 5.69
CA GLU B 270 27.25 15.15 5.16
C GLU B 270 26.63 13.89 4.54
N MET B 271 25.66 13.31 5.26
CA MET B 271 25.00 12.10 4.81
C MET B 271 24.22 12.28 3.52
N TYR B 272 23.50 13.38 3.38
CA TYR B 272 22.74 13.61 2.18
C TYR B 272 23.68 13.76 0.98
N GLN B 273 24.89 14.27 1.23
CA GLN B 273 25.86 14.45 0.17
C GLN B 273 26.36 13.07 -0.25
N THR B 274 26.54 12.19 0.73
CA THR B 274 26.99 10.83 0.46
C THR B 274 25.98 10.15 -0.45
N MET B 275 24.70 10.43 -0.21
CA MET B 275 23.67 9.86 -1.06
C MET B 275 23.92 10.37 -2.47
N LEU B 276 23.88 11.71 -2.63
CA LEU B 276 24.12 12.34 -3.93
C LEU B 276 25.35 11.76 -4.63
N ASP B 277 26.43 11.57 -3.88
CA ASP B 277 27.63 11.00 -4.47
C ASP B 277 27.32 9.61 -5.01
N CYS B 278 26.59 8.82 -4.23
CA CYS B 278 26.23 7.48 -4.64
C CYS B 278 25.34 7.50 -5.89
N TRP B 279 24.56 8.56 -6.05
CA TRP B 279 23.67 8.65 -7.21
C TRP B 279 24.26 9.37 -8.41
N HIS B 280 25.58 9.41 -8.49
CA HIS B 280 26.26 10.08 -9.60
C HIS B 280 25.85 9.42 -10.92
N GLY B 281 25.67 10.23 -11.95
CA GLY B 281 25.28 9.72 -13.25
C GLY B 281 26.26 8.73 -13.83
N GLU B 282 27.54 9.04 -13.70
CA GLU B 282 28.59 8.16 -14.20
C GLU B 282 28.96 7.15 -13.13
N PRO B 283 28.80 5.86 -13.43
CA PRO B 283 29.14 4.81 -12.46
C PRO B 283 30.56 4.97 -11.95
N SER B 284 31.50 5.09 -12.88
CA SER B 284 32.92 5.25 -12.57
C SER B 284 33.20 6.40 -11.60
N GLN B 285 32.30 7.38 -11.54
CA GLN B 285 32.50 8.53 -10.64
C GLN B 285 31.85 8.34 -9.28
N ARG B 286 31.17 7.21 -9.10
CA ARG B 286 30.53 6.93 -7.82
C ARG B 286 31.58 6.38 -6.85
N PRO B 287 31.38 6.59 -5.56
CA PRO B 287 32.35 6.07 -4.58
C PRO B 287 32.32 4.54 -4.55
N THR B 288 33.39 3.93 -4.04
CA THR B 288 33.45 2.46 -3.94
C THR B 288 33.03 2.15 -2.52
N PHE B 289 32.64 0.91 -2.27
CA PHE B 289 32.20 0.58 -0.92
C PHE B 289 33.34 0.75 0.08
N SER B 290 34.57 0.62 -0.39
CA SER B 290 35.72 0.79 0.50
C SER B 290 35.79 2.25 0.94
N GLU B 291 35.63 3.15 -0.02
CA GLU B 291 35.66 4.59 0.25
C GLU B 291 34.50 4.93 1.19
N LEU B 292 33.34 4.34 0.93
CA LEU B 292 32.15 4.57 1.75
C LEU B 292 32.36 4.09 3.18
N VAL B 293 33.09 2.98 3.33
CA VAL B 293 33.37 2.44 4.65
C VAL B 293 34.21 3.43 5.46
N GLU B 294 35.21 4.01 4.83
CA GLU B 294 36.07 4.97 5.51
C GLU B 294 35.27 6.24 5.82
N HIS B 295 34.60 6.78 4.82
CA HIS B 295 33.82 7.98 5.01
C HIS B 295 32.84 7.85 6.17
N LEU B 296 31.94 6.87 6.09
CA LEU B 296 30.96 6.63 7.13
C LEU B 296 31.64 6.33 8.46
N GLY B 297 32.82 5.72 8.37
CA GLY B 297 33.56 5.42 9.57
C GLY B 297 33.95 6.69 10.28
N ASN B 298 34.36 7.69 9.50
CA ASN B 298 34.76 8.98 10.06
C ASN B 298 33.54 9.76 10.56
N LEU B 299 32.43 9.67 9.83
CA LEU B 299 31.21 10.38 10.24
C LEU B 299 30.70 9.83 11.55
N LEU B 300 30.90 8.53 11.75
CA LEU B 300 30.47 7.86 12.97
C LEU B 300 31.27 8.39 14.15
N GLN B 301 32.58 8.53 13.97
CA GLN B 301 33.44 9.04 15.04
C GLN B 301 33.10 10.52 15.27
N ALA B 302 32.77 11.22 14.20
CA ALA B 302 32.42 12.63 14.26
C ALA B 302 31.06 12.79 14.96
#